data_4HO9
#
_entry.id   4HO9
#
_cell.length_a   114.788
_cell.length_b   90.763
_cell.length_c   87.702
_cell.angle_alpha   90.000
_cell.angle_beta   125.200
_cell.angle_gamma   90.000
#
_symmetry.space_group_name_H-M   'C 1 2 1'
#
loop_
_entity.id
_entity.type
_entity.pdbx_description
1 polymer 'Glucose-1-phosphate thymidylyltransferase'
2 non-polymer "GALACTOSE-URIDINE-5'-DIPHOSPHATE"
3 non-polymer "URIDINE 5'-TRIPHOSPHATE"
4 non-polymer 'SULFATE ION'
5 water water
#
_entity_poly.entity_id   1
_entity_poly.type   'polypeptide(L)'
_entity_poly.pdbx_seq_one_letter_code
;MKGIILSGGSGTRLYPLTKVVSKQLLPVYDKPMVYYPLSVLMLAGIKDILIISTPEDTPRFEQLLGGGSELGISLSYAVQ
SSPDGLAQAFIIGEEFIGDDNVALVLGDNIFYGHGFTELLQRAANRKSGATIFGYNVKDPQRFGVVEFDEKGKVISIEEK
PEEPKSSYAVTGLYFYDNRVVDIAKNITPSARGELEITDVNKAYLELGELHVELLGRGFAWLDTGTHESLLQASQFIETI
EKRQSLKVACLEEIAYRMGYISREQLIKLAEPLMKNEYGQYLMNLAHRSKDLVTVEG
;
_entity_poly.pdbx_strand_id   A,B
#
# COMPACT_ATOMS: atom_id res chain seq x y z
N MET A 1 26.78 -3.03 3.52
CA MET A 1 26.20 -1.71 3.86
C MET A 1 25.83 -1.70 5.33
N LYS A 2 26.09 -0.59 5.99
CA LYS A 2 25.67 -0.43 7.37
C LYS A 2 24.44 0.43 7.38
N GLY A 3 23.74 0.44 8.51
CA GLY A 3 22.57 1.30 8.61
C GLY A 3 22.57 1.99 9.95
N ILE A 4 21.99 3.17 9.98
CA ILE A 4 21.87 3.95 11.21
C ILE A 4 20.40 4.37 11.32
N ILE A 5 19.83 4.17 12.50
CA ILE A 5 18.52 4.73 12.82
C ILE A 5 18.70 5.91 13.74
N LEU A 6 18.38 7.09 13.27
CA LEU A 6 18.45 8.27 14.12
C LEU A 6 17.17 8.41 14.90
N SER A 7 17.26 8.21 16.22
CA SER A 7 16.08 8.00 17.02
C SER A 7 16.14 8.84 18.31
N GLY A 8 16.61 10.08 18.19
CA GLY A 8 16.72 11.01 19.31
C GLY A 8 15.69 12.14 19.22
N GLY A 9 16.08 13.35 19.64
CA GLY A 9 15.23 14.53 19.55
C GLY A 9 14.38 14.62 20.81
N SER A 10 13.75 15.78 21.04
CA SER A 10 12.90 15.96 22.26
C SER A 10 11.45 15.55 22.05
N GLY A 11 11.00 15.49 20.80
CA GLY A 11 9.57 15.22 20.53
C GLY A 11 8.71 16.31 21.18
N THR A 12 9.26 17.52 21.21
CA THR A 12 8.52 18.71 21.73
C THR A 12 7.04 18.79 21.33
N ARG A 13 6.74 18.48 20.08
CA ARG A 13 5.43 18.66 19.53
C ARG A 13 4.44 17.67 20.19
N LEU A 14 4.96 16.55 20.64
CA LEU A 14 4.07 15.48 21.18
C LEU A 14 3.92 15.63 22.69
N TYR A 15 4.48 16.70 23.28
CA TYR A 15 4.40 16.87 24.76
C TYR A 15 2.92 16.90 25.13
N PRO A 16 2.55 16.24 26.27
CA PRO A 16 3.34 15.60 27.28
C PRO A 16 3.66 14.12 27.04
N LEU A 17 3.29 13.57 25.88
CA LEU A 17 3.62 12.14 25.62
C LEU A 17 5.09 11.85 25.77
N THR A 18 5.91 12.83 25.43
CA THR A 18 7.34 12.62 25.37
C THR A 18 8.05 13.18 26.60
N LYS A 19 7.28 13.55 27.64
CA LYS A 19 7.97 13.98 28.89
C LYS A 19 8.85 12.90 29.45
N VAL A 20 8.34 11.68 29.54
CA VAL A 20 9.17 10.61 30.10
C VAL A 20 9.33 9.41 29.15
N VAL A 21 8.76 9.51 27.96
CA VAL A 21 8.93 8.42 27.01
C VAL A 21 9.50 9.00 25.73
N SER A 22 10.52 8.35 25.14
CA SER A 22 10.98 8.72 23.77
C SER A 22 9.88 8.62 22.74
N LYS A 23 9.80 9.60 21.84
CA LYS A 23 8.78 9.57 20.79
C LYS A 23 8.84 8.20 20.07
N GLN A 24 10.06 7.70 19.79
CA GLN A 24 10.17 6.47 18.95
C GLN A 24 9.94 5.16 19.73
N LEU A 25 9.56 5.28 21.02
CA LEU A 25 8.98 4.16 21.79
C LEU A 25 7.47 4.21 21.90
N LEU A 26 6.87 5.26 21.39
CA LEU A 26 5.40 5.37 21.43
C LEU A 26 4.75 4.44 20.38
N PRO A 27 3.51 4.00 20.65
CA PRO A 27 2.88 2.99 19.79
C PRO A 27 2.57 3.51 18.39
N VAL A 28 2.84 2.71 17.37
CA VAL A 28 2.13 2.86 16.12
C VAL A 28 1.28 1.63 16.00
N TYR A 29 0.04 1.81 16.45
CA TYR A 29 -0.95 0.75 16.64
C TYR A 29 -0.52 -0.30 17.67
N ASP A 30 0.25 -1.28 17.24
CA ASP A 30 0.56 -2.42 18.11
C ASP A 30 2.05 -2.62 18.45
N LYS A 31 2.96 -1.79 17.90
CA LYS A 31 4.36 -2.00 18.15
C LYS A 31 5.02 -0.62 18.35
N PRO A 32 6.13 -0.57 19.06
CA PRO A 32 6.90 0.67 19.25
C PRO A 32 7.26 1.23 17.88
N MET A 33 7.19 2.55 17.76
CA MET A 33 7.43 3.25 16.46
C MET A 33 8.75 2.78 15.79
N VAL A 34 9.80 2.61 16.58
CA VAL A 34 11.14 2.27 16.04
C VAL A 34 11.17 0.91 15.32
N TYR A 35 10.19 0.03 15.59
CA TYR A 35 10.17 -1.25 14.91
C TYR A 35 10.04 -1.00 13.39
N TYR A 36 9.26 0.01 13.01
CA TYR A 36 8.99 0.25 11.58
C TYR A 36 10.25 0.62 10.76
N PRO A 37 11.01 1.64 11.20
CA PRO A 37 12.24 1.93 10.39
C PRO A 37 13.28 0.83 10.53
N LEU A 38 13.34 0.17 11.70
CA LEU A 38 14.23 -1.00 11.81
C LEU A 38 13.88 -2.12 10.84
N SER A 39 12.58 -2.36 10.67
CA SER A 39 12.16 -3.41 9.75
C SER A 39 12.52 -3.07 8.30
N VAL A 40 12.53 -1.76 8.01
CA VAL A 40 12.95 -1.27 6.67
C VAL A 40 14.42 -1.58 6.37
N LEU A 41 15.27 -1.29 7.31
CA LEU A 41 16.71 -1.62 7.15
C LEU A 41 16.88 -3.11 7.04
N MET A 42 16.13 -3.88 7.84
CA MET A 42 16.25 -5.34 7.78
C MET A 42 15.88 -5.89 6.43
N LEU A 43 14.77 -5.42 5.90
CA LEU A 43 14.36 -5.82 4.59
C LEU A 43 15.28 -5.26 3.47
N ALA A 44 16.01 -4.16 3.71
CA ALA A 44 17.03 -3.73 2.74
C ALA A 44 18.21 -4.77 2.65
N GLY A 45 18.22 -5.77 3.55
CA GLY A 45 19.37 -6.68 3.73
C GLY A 45 20.49 -6.14 4.59
N ILE A 46 20.20 -5.08 5.35
CA ILE A 46 21.20 -4.46 6.19
C ILE A 46 21.19 -5.13 7.56
N LYS A 47 22.35 -5.65 7.99
CA LYS A 47 22.40 -6.50 9.21
C LYS A 47 23.31 -5.91 10.30
N ASP A 48 23.94 -4.79 9.99
CA ASP A 48 24.81 -4.11 10.94
C ASP A 48 24.30 -2.71 11.12
N ILE A 49 23.68 -2.44 12.27
CA ILE A 49 22.88 -1.24 12.44
C ILE A 49 23.21 -0.57 13.74
N LEU A 50 23.40 0.74 13.67
CA LEU A 50 23.65 1.58 14.84
C LEU A 50 22.41 2.40 15.17
N ILE A 51 21.97 2.36 16.43
CA ILE A 51 20.85 3.18 16.88
C ILE A 51 21.33 4.33 17.74
N ILE A 52 20.98 5.54 17.31
CA ILE A 52 21.39 6.76 17.99
C ILE A 52 20.20 7.39 18.69
N SER A 53 20.37 7.73 19.98
CA SER A 53 19.30 8.43 20.68
C SER A 53 19.87 9.36 21.77
N THR A 54 19.00 9.91 22.60
CA THR A 54 19.42 10.86 23.62
C THR A 54 20.17 10.14 24.77
N PRO A 55 20.85 10.92 25.60
CA PRO A 55 21.54 10.27 26.73
C PRO A 55 20.58 9.47 27.63
N GLU A 56 19.38 9.99 27.81
CA GLU A 56 18.35 9.32 28.64
C GLU A 56 17.71 8.11 27.97
N ASP A 57 17.40 8.23 26.67
CA ASP A 57 16.60 7.24 25.95
C ASP A 57 17.39 6.08 25.33
N THR A 58 18.67 6.29 25.01
CA THR A 58 19.45 5.23 24.35
C THR A 58 19.44 3.90 25.10
N PRO A 59 19.58 3.93 26.47
CA PRO A 59 19.50 2.71 27.27
C PRO A 59 18.17 1.97 27.09
N ARG A 60 17.07 2.72 26.88
CA ARG A 60 15.76 2.11 26.73
C ARG A 60 15.62 1.41 25.40
N PHE A 61 16.20 2.00 24.34
CA PHE A 61 16.21 1.29 23.09
C PHE A 61 17.00 0.01 23.18
N GLU A 62 18.15 0.08 23.84
CA GLU A 62 18.92 -1.12 24.05
C GLU A 62 18.18 -2.20 24.88
N GLN A 63 17.44 -1.75 25.90
CA GLN A 63 16.55 -2.66 26.61
C GLN A 63 15.49 -3.30 25.69
N LEU A 64 14.93 -2.51 24.76
CA LEU A 64 13.93 -3.04 23.84
C LEU A 64 14.47 -4.05 22.82
N LEU A 65 15.62 -3.73 22.22
CA LEU A 65 16.04 -4.44 21.00
C LEU A 65 17.24 -5.34 21.24
N GLY A 66 18.02 -5.00 22.24
CA GLY A 66 19.19 -5.81 22.63
C GLY A 66 20.32 -5.69 21.60
N GLY A 67 21.18 -6.71 21.53
CA GLY A 67 22.34 -6.65 20.62
C GLY A 67 22.08 -7.16 19.22
N GLY A 68 20.84 -7.62 18.97
CA GLY A 68 20.40 -8.11 17.65
C GLY A 68 20.55 -9.62 17.45
N SER A 69 21.25 -10.31 18.37
CA SER A 69 21.51 -11.74 18.14
C SER A 69 20.22 -12.56 18.03
N GLU A 70 19.17 -12.18 18.78
CA GLU A 70 17.84 -12.84 18.65
C GLU A 70 17.32 -12.80 17.22
N LEU A 71 17.68 -11.72 16.53
CA LEU A 71 17.17 -11.44 15.17
C LEU A 71 18.23 -11.80 14.11
N GLY A 72 19.32 -12.39 14.53
CA GLY A 72 20.38 -12.76 13.59
C GLY A 72 21.10 -11.56 12.98
N ILE A 73 21.05 -10.43 13.67
CA ILE A 73 21.72 -9.19 13.19
C ILE A 73 22.61 -8.60 14.27
N SER A 74 23.27 -7.48 13.96
CA SER A 74 24.04 -6.77 14.96
C SER A 74 23.46 -5.41 15.15
N LEU A 75 23.10 -5.09 16.40
CA LEU A 75 22.68 -3.75 16.78
C LEU A 75 23.65 -3.15 17.74
N SER A 76 24.03 -1.90 17.48
CA SER A 76 24.92 -1.15 18.38
C SER A 76 24.21 0.13 18.73
N TYR A 77 24.70 0.81 19.77
CA TYR A 77 24.06 2.02 20.26
C TYR A 77 25.05 3.15 20.46
N ALA A 78 24.59 4.36 20.19
CA ALA A 78 25.39 5.55 20.44
C ALA A 78 24.55 6.75 20.89
N VAL A 79 25.13 7.61 21.72
CA VAL A 79 24.41 8.74 22.26
C VAL A 79 24.68 10.01 21.46
N GLN A 80 23.61 10.74 21.14
CA GLN A 80 23.72 12.11 20.64
C GLN A 80 23.44 13.04 21.80
N SER A 81 24.44 13.82 22.23
CA SER A 81 24.24 14.60 23.50
C SER A 81 23.26 15.76 23.33
N SER A 82 23.16 16.28 22.11
CA SER A 82 22.24 17.36 21.83
C SER A 82 21.71 17.19 20.38
N PRO A 83 20.44 17.55 20.12
CA PRO A 83 19.92 17.26 18.76
C PRO A 83 20.39 18.33 17.74
N ASP A 84 21.63 18.19 17.31
CA ASP A 84 22.32 19.21 16.56
C ASP A 84 22.10 18.99 15.04
N GLY A 85 21.25 18.03 14.67
CA GLY A 85 20.93 17.87 13.25
C GLY A 85 21.11 16.45 12.74
N LEU A 86 20.32 16.12 11.69
CA LEU A 86 20.42 14.80 11.07
C LEU A 86 21.84 14.42 10.69
N ALA A 87 22.57 15.34 10.09
CA ALA A 87 23.84 15.02 9.52
C ALA A 87 24.90 14.70 10.60
N GLN A 88 24.57 15.03 11.84
CA GLN A 88 25.42 14.60 12.94
C GLN A 88 25.44 13.08 13.12
N ALA A 89 24.42 12.39 12.59
CA ALA A 89 24.47 10.93 12.63
C ALA A 89 25.79 10.35 12.10
N PHE A 90 26.32 10.95 11.04
CA PHE A 90 27.50 10.37 10.39
C PHE A 90 28.77 10.72 11.11
N ILE A 91 28.70 11.77 11.90
CA ILE A 91 29.78 12.17 12.77
C ILE A 91 29.87 11.25 14.01
N ILE A 92 28.77 11.15 14.74
CA ILE A 92 28.63 10.15 15.82
C ILE A 92 28.96 8.74 15.36
N GLY A 93 28.48 8.39 14.18
CA GLY A 93 28.64 7.07 13.64
C GLY A 93 29.91 6.83 12.81
N GLU A 94 30.87 7.73 12.88
CA GLU A 94 32.04 7.61 11.98
C GLU A 94 32.81 6.28 12.19
N GLU A 95 33.06 5.92 13.46
CA GLU A 95 33.82 4.70 13.76
C GLU A 95 33.02 3.46 13.37
N PHE A 96 31.70 3.53 13.63
CA PHE A 96 30.82 2.45 13.23
C PHE A 96 30.80 2.25 11.70
N ILE A 97 30.75 3.36 10.95
CA ILE A 97 30.67 3.28 9.47
C ILE A 97 31.96 2.68 8.87
N GLY A 98 33.11 3.08 9.43
CA GLY A 98 34.41 2.67 8.88
C GLY A 98 34.50 3.12 7.42
N ASP A 99 34.79 2.17 6.54
CA ASP A 99 34.99 2.46 5.16
C ASP A 99 33.76 2.10 4.33
N ASP A 100 32.66 1.74 5.00
CA ASP A 100 31.51 1.16 4.30
C ASP A 100 30.54 2.24 3.82
N ASN A 101 29.66 1.84 2.92
CA ASN A 101 28.50 2.65 2.56
C ASN A 101 27.50 2.52 3.69
N VAL A 102 26.57 3.45 3.75
CA VAL A 102 25.66 3.51 4.91
C VAL A 102 24.30 4.07 4.52
N ALA A 103 23.23 3.49 5.08
CA ALA A 103 21.89 4.07 5.01
C ALA A 103 21.49 4.68 6.34
N LEU A 104 20.80 5.80 6.25
CA LEU A 104 20.24 6.47 7.43
C LEU A 104 18.76 6.43 7.30
N VAL A 105 18.07 6.04 8.39
CA VAL A 105 16.63 6.17 8.40
C VAL A 105 16.23 6.88 9.69
N LEU A 106 15.17 7.67 9.62
CA LEU A 106 14.71 8.38 10.81
C LEU A 106 13.81 7.43 11.60
N GLY A 107 13.97 7.47 12.90
CA GLY A 107 13.28 6.54 13.82
C GLY A 107 11.78 6.78 13.90
N ASP A 108 11.33 7.92 13.36
CA ASP A 108 9.92 8.28 13.33
C ASP A 108 9.24 8.21 11.98
N ASN A 109 9.90 7.59 11.02
CA ASN A 109 9.32 7.51 9.66
C ASN A 109 8.73 6.11 9.47
N ILE A 110 7.53 6.06 8.90
CA ILE A 110 6.83 4.78 8.60
C ILE A 110 6.61 4.69 7.09
N PHE A 111 7.28 3.73 6.46
CA PHE A 111 7.09 3.47 5.05
C PHE A 111 6.25 2.19 4.89
N TYR A 112 5.34 2.20 3.95
CA TYR A 112 4.56 0.97 3.69
C TYR A 112 4.19 0.92 2.22
N GLY A 113 4.41 -0.23 1.61
CA GLY A 113 3.80 -0.48 0.32
C GLY A 113 4.43 -1.61 -0.44
N HIS A 114 3.69 -2.07 -1.44
CA HIS A 114 4.14 -3.16 -2.26
C HIS A 114 5.39 -2.78 -3.05
N GLY A 115 6.38 -3.66 -3.08
CA GLY A 115 7.55 -3.40 -3.91
C GLY A 115 8.61 -2.54 -3.25
N PHE A 116 8.38 -2.13 -2.00
CA PHE A 116 9.32 -1.26 -1.31
C PHE A 116 10.66 -1.97 -1.13
N THR A 117 10.61 -3.25 -0.76
CA THR A 117 11.83 -4.02 -0.50
C THR A 117 12.75 -3.95 -1.75
N GLU A 118 12.14 -4.13 -2.91
CA GLU A 118 12.88 -4.09 -4.16
C GLU A 118 13.58 -2.75 -4.43
N LEU A 119 12.94 -1.64 -4.01
CA LEU A 119 13.59 -0.32 -4.11
C LEU A 119 14.78 -0.20 -3.14
N LEU A 120 14.57 -0.67 -1.91
CA LEU A 120 15.60 -0.64 -0.86
C LEU A 120 16.82 -1.44 -1.30
N GLN A 121 16.57 -2.65 -1.80
CA GLN A 121 17.64 -3.54 -2.17
C GLN A 121 18.46 -2.98 -3.37
N ARG A 122 17.78 -2.32 -4.27
CA ARG A 122 18.42 -1.61 -5.36
C ARG A 122 19.26 -0.41 -4.92
N ALA A 123 18.73 0.36 -3.97
CA ALA A 123 19.53 1.43 -3.36
C ALA A 123 20.74 0.87 -2.64
N ALA A 124 20.53 -0.20 -1.86
CA ALA A 124 21.64 -0.78 -1.10
C ALA A 124 22.69 -1.35 -2.04
N ASN A 125 22.24 -1.81 -3.20
CA ASN A 125 23.15 -2.32 -4.23
C ASN A 125 24.00 -1.28 -4.89
N ARG A 126 23.53 -0.02 -4.89
CA ARG A 126 24.15 1.02 -5.71
C ARG A 126 25.35 1.63 -4.98
N LYS A 127 26.55 1.35 -5.50
CA LYS A 127 27.76 1.52 -4.69
C LYS A 127 28.22 2.99 -4.64
N SER A 128 27.77 3.80 -5.59
CA SER A 128 28.22 5.21 -5.67
C SER A 128 27.10 6.22 -5.57
N GLY A 129 27.39 7.32 -4.90
CA GLY A 129 26.50 8.47 -4.91
C GLY A 129 25.55 8.38 -3.71
N ALA A 130 24.50 9.17 -3.76
CA ALA A 130 23.48 9.20 -2.69
C ALA A 130 22.15 8.88 -3.36
N THR A 131 21.32 8.10 -2.68
CA THR A 131 19.93 7.88 -3.21
C THR A 131 18.96 8.39 -2.14
N ILE A 132 18.03 9.21 -2.57
CA ILE A 132 16.96 9.74 -1.68
C ILE A 132 15.64 9.33 -2.31
N PHE A 133 14.56 9.43 -1.53
CA PHE A 133 13.27 8.89 -1.94
C PHE A 133 12.27 10.02 -1.88
N GLY A 134 11.64 10.33 -3.01
CA GLY A 134 10.71 11.45 -3.07
C GLY A 134 9.27 10.97 -2.97
N TYR A 135 8.40 11.80 -2.41
CA TYR A 135 6.97 11.40 -2.18
C TYR A 135 6.06 12.58 -2.33
N ASN A 136 4.96 12.42 -3.07
CA ASN A 136 4.13 13.57 -3.34
C ASN A 136 3.26 13.92 -2.11
N VAL A 137 3.54 15.02 -1.44
CA VAL A 137 2.81 15.37 -0.20
C VAL A 137 1.98 16.59 -0.44
N LYS A 138 1.01 16.79 0.44
CA LYS A 138 0.17 17.98 0.38
C LYS A 138 0.92 19.26 0.71
N ASP A 139 1.82 19.22 1.64
CA ASP A 139 2.39 20.52 2.00
C ASP A 139 3.89 20.48 1.93
N PRO A 140 4.43 20.53 0.69
CA PRO A 140 5.83 20.23 0.44
C PRO A 140 6.77 21.18 1.15
N GLN A 141 6.29 22.39 1.43
CA GLN A 141 7.08 23.39 2.19
C GLN A 141 7.46 22.95 3.62
N ARG A 142 6.81 21.90 4.14
CA ARG A 142 7.09 21.38 5.48
C ARG A 142 8.36 20.51 5.49
N PHE A 143 8.88 20.22 4.31
CA PHE A 143 9.95 19.19 4.16
C PHE A 143 11.13 19.71 3.31
N GLY A 144 12.17 18.88 3.18
CA GLY A 144 13.04 18.98 2.01
C GLY A 144 12.26 18.72 0.76
N VAL A 145 12.57 19.45 -0.31
CA VAL A 145 11.79 19.35 -1.58
C VAL A 145 12.76 19.08 -2.71
N VAL A 146 12.49 18.01 -3.43
CA VAL A 146 13.34 17.63 -4.57
C VAL A 146 12.64 17.93 -5.90
N GLU A 147 13.37 18.63 -6.78
CA GLU A 147 12.89 19.00 -8.10
C GLU A 147 13.63 18.16 -9.14
N PHE A 148 12.91 17.52 -10.01
CA PHE A 148 13.53 16.61 -10.97
C PHE A 148 12.95 16.88 -12.35
N ASP A 149 13.68 16.48 -13.37
CA ASP A 149 13.24 16.68 -14.75
C ASP A 149 12.51 15.46 -15.28
N GLU A 150 12.24 15.47 -16.58
CA GLU A 150 11.35 14.50 -17.20
C GLU A 150 11.98 13.09 -17.26
N LYS A 151 13.29 13.02 -17.00
CA LYS A 151 14.00 11.73 -16.92
C LYS A 151 14.24 11.30 -15.44
N GLY A 152 13.80 12.13 -14.49
CA GLY A 152 14.00 11.81 -13.06
C GLY A 152 15.38 12.24 -12.58
N LYS A 153 16.05 13.04 -13.39
CA LYS A 153 17.32 13.64 -12.96
C LYS A 153 17.01 14.78 -11.99
N VAL A 154 17.78 14.85 -10.89
CA VAL A 154 17.56 15.88 -9.88
C VAL A 154 18.06 17.24 -10.40
N ILE A 155 17.23 18.26 -10.27
CA ILE A 155 17.58 19.62 -10.65
C ILE A 155 17.98 20.46 -9.43
N SER A 156 17.18 20.33 -8.36
CA SER A 156 17.43 21.08 -7.15
C SER A 156 16.95 20.33 -5.93
N ILE A 157 17.48 20.72 -4.79
CA ILE A 157 16.92 20.24 -3.51
C ILE A 157 16.99 21.35 -2.46
N GLU A 158 15.87 21.61 -1.77
CA GLU A 158 15.78 22.79 -0.91
C GLU A 158 15.08 22.42 0.37
N GLU A 159 15.63 22.84 1.53
CA GLU A 159 14.97 22.53 2.80
C GLU A 159 13.86 23.54 3.13
N LYS A 160 12.63 23.02 3.21
CA LYS A 160 11.45 23.83 3.58
C LYS A 160 11.33 25.15 2.83
N PRO A 161 11.32 25.09 1.49
CA PRO A 161 11.25 26.29 0.64
C PRO A 161 9.94 27.03 0.83
N GLU A 162 9.99 28.36 0.83
CA GLU A 162 8.77 29.17 0.85
C GLU A 162 7.95 28.99 -0.43
N GLU A 163 8.64 28.86 -1.55
CA GLU A 163 8.02 28.62 -2.85
C GLU A 163 8.55 27.29 -3.42
N PRO A 164 7.92 26.16 -3.04
CA PRO A 164 8.46 24.86 -3.46
C PRO A 164 8.50 24.71 -4.98
N LYS A 165 9.55 24.09 -5.46
CA LYS A 165 9.76 23.88 -6.88
C LYS A 165 9.09 22.59 -7.43
N SER A 166 8.61 21.74 -6.53
CA SER A 166 7.82 20.58 -6.87
C SER A 166 6.94 20.28 -5.69
N SER A 167 6.11 19.25 -5.81
CA SER A 167 5.35 18.78 -4.68
C SER A 167 5.95 17.51 -4.03
N TYR A 168 7.19 17.20 -4.35
CA TYR A 168 7.84 16.00 -3.82
C TYR A 168 8.73 16.28 -2.64
N ALA A 169 8.34 15.75 -1.48
CA ALA A 169 9.14 15.84 -0.27
C ALA A 169 10.24 14.80 -0.34
N VAL A 170 11.35 15.12 0.30
CA VAL A 170 12.42 14.17 0.56
C VAL A 170 12.16 13.41 1.85
N THR A 171 11.83 12.13 1.71
CA THR A 171 11.47 11.35 2.92
C THR A 171 12.68 11.03 3.80
N GLY A 172 12.45 10.46 4.99
CA GLY A 172 13.54 10.25 5.96
C GLY A 172 14.28 8.92 5.80
N LEU A 173 14.72 8.61 4.57
CA LEU A 173 15.51 7.44 4.31
C LEU A 173 16.53 7.81 3.26
N TYR A 174 17.80 7.57 3.54
CA TYR A 174 18.87 8.13 2.66
C TYR A 174 19.93 7.09 2.52
N PHE A 175 20.43 6.85 1.31
CA PHE A 175 21.49 5.87 1.15
C PHE A 175 22.72 6.58 0.60
N TYR A 176 23.88 6.34 1.21
CA TYR A 176 25.10 7.11 0.86
C TYR A 176 26.27 6.17 0.63
N ASP A 177 27.24 6.60 -0.17
CA ASP A 177 28.50 5.92 -0.16
C ASP A 177 29.35 6.50 0.95
N ASN A 178 30.61 6.06 1.05
CA ASN A 178 31.41 6.36 2.23
C ASN A 178 31.81 7.83 2.32
N ARG A 179 31.63 8.58 1.24
CA ARG A 179 32.00 10.01 1.26
C ARG A 179 31.17 10.83 2.22
N VAL A 180 30.04 10.26 2.66
CA VAL A 180 29.11 11.04 3.41
C VAL A 180 29.70 11.54 4.73
N VAL A 181 30.61 10.77 5.31
CA VAL A 181 31.16 11.12 6.63
C VAL A 181 31.96 12.45 6.53
N ASP A 182 32.79 12.57 5.52
CA ASP A 182 33.57 13.81 5.34
C ASP A 182 32.73 14.98 4.89
N ILE A 183 31.72 14.69 4.08
CA ILE A 183 30.75 15.69 3.75
C ILE A 183 30.09 16.26 5.02
N ALA A 184 29.64 15.37 5.90
CA ALA A 184 28.91 15.78 7.09
C ALA A 184 29.79 16.66 7.98
N LYS A 185 31.06 16.32 8.07
CA LYS A 185 32.02 17.18 8.82
C LYS A 185 32.27 18.55 8.20
N ASN A 186 31.91 18.75 6.93
CA ASN A 186 32.21 20.04 6.27
C ASN A 186 31.02 20.95 6.05
N ILE A 187 29.83 20.52 6.43
CA ILE A 187 28.70 21.42 6.31
C ILE A 187 28.60 22.22 7.60
N THR A 188 27.81 23.27 7.59
CA THR A 188 27.70 24.12 8.77
C THR A 188 26.24 24.36 9.11
N PRO A 189 25.97 24.80 10.34
CA PRO A 189 24.59 24.82 10.77
C PRO A 189 23.74 25.80 9.97
N SER A 190 22.47 25.43 9.79
CA SER A 190 21.49 26.25 9.09
C SER A 190 21.01 27.36 10.05
N ALA A 191 19.96 28.09 9.63
CA ALA A 191 19.35 29.13 10.49
C ALA A 191 18.65 28.55 11.69
N ARG A 192 18.19 27.28 11.59
CA ARG A 192 17.61 26.63 12.76
C ARG A 192 18.65 25.96 13.67
N GLY A 193 19.92 26.13 13.32
CA GLY A 193 21.01 25.67 14.15
C GLY A 193 21.27 24.16 14.07
N GLU A 194 20.97 23.58 12.90
CA GLU A 194 21.20 22.16 12.69
C GLU A 194 22.10 21.87 11.49
N LEU A 195 22.86 20.77 11.57
CA LEU A 195 23.55 20.20 10.42
C LEU A 195 22.52 19.44 9.58
N GLU A 196 22.25 19.94 8.38
CA GLU A 196 21.08 19.57 7.61
C GLU A 196 21.41 18.39 6.67
N ILE A 197 20.55 17.40 6.64
CA ILE A 197 20.69 16.37 5.62
C ILE A 197 20.53 16.95 4.21
N THR A 198 19.74 18.02 4.05
CA THR A 198 19.62 18.66 2.76
C THR A 198 20.95 19.19 2.28
N ASP A 199 21.81 19.61 3.20
CA ASP A 199 23.12 20.09 2.80
C ASP A 199 24.08 18.96 2.46
N VAL A 200 23.89 17.80 3.09
CA VAL A 200 24.60 16.58 2.64
C VAL A 200 24.15 16.24 1.23
N ASN A 201 22.86 16.26 1.00
CA ASN A 201 22.34 15.93 -0.33
C ASN A 201 22.79 16.94 -1.39
N LYS A 202 22.85 18.22 -1.00
CA LYS A 202 23.33 19.27 -1.94
C LYS A 202 24.79 19.03 -2.34
N ALA A 203 25.63 18.61 -1.39
CA ALA A 203 27.02 18.23 -1.75
C ALA A 203 27.05 17.16 -2.87
N TYR A 204 26.16 16.15 -2.74
CA TYR A 204 26.14 15.11 -3.75
C TYR A 204 25.56 15.66 -5.05
N LEU A 205 24.59 16.57 -4.94
CA LEU A 205 23.99 17.16 -6.13
C LEU A 205 25.04 17.97 -6.91
N GLU A 206 25.93 18.67 -6.19
CA GLU A 206 27.00 19.48 -6.85
C GLU A 206 27.89 18.60 -7.71
N LEU A 207 28.11 17.37 -7.26
CA LEU A 207 28.94 16.39 -7.94
C LEU A 207 28.19 15.64 -9.05
N GLY A 208 26.89 15.91 -9.16
CA GLY A 208 26.05 15.20 -10.11
C GLY A 208 25.76 13.78 -9.69
N GLU A 209 25.79 13.53 -8.38
CA GLU A 209 25.70 12.18 -7.89
C GLU A 209 24.59 12.01 -6.87
N LEU A 210 23.57 12.86 -6.97
CA LEU A 210 22.35 12.70 -6.12
C LEU A 210 21.31 12.06 -6.99
N HIS A 211 20.80 10.91 -6.55
CA HIS A 211 19.86 10.16 -7.34
C HIS A 211 18.57 10.08 -6.55
N VAL A 212 17.44 10.23 -7.23
CA VAL A 212 16.11 10.14 -6.51
C VAL A 212 15.30 8.94 -7.02
N GLU A 213 14.71 8.19 -6.09
CA GLU A 213 13.70 7.17 -6.44
C GLU A 213 12.40 7.77 -6.04
N LEU A 214 11.44 7.81 -6.96
CA LEU A 214 10.17 8.42 -6.60
C LEU A 214 9.24 7.33 -6.08
N LEU A 215 8.62 7.59 -4.93
CA LEU A 215 7.70 6.67 -4.31
C LEU A 215 6.31 7.15 -4.75
N GLY A 216 5.67 6.36 -5.60
CA GLY A 216 4.42 6.80 -6.15
C GLY A 216 3.25 6.67 -5.18
N ARG A 217 2.06 7.04 -5.65
CA ARG A 217 0.92 7.29 -4.79
C ARG A 217 0.42 5.98 -4.11
N GLY A 218 0.83 4.85 -4.66
CA GLY A 218 0.47 3.55 -4.01
C GLY A 218 1.23 3.26 -2.73
N PHE A 219 2.29 4.03 -2.45
CA PHE A 219 3.05 3.88 -1.20
C PHE A 219 2.42 4.78 -0.15
N ALA A 220 2.56 4.41 1.12
CA ALA A 220 2.18 5.27 2.22
C ALA A 220 3.45 5.70 2.93
N TRP A 221 3.63 7.00 3.13
CA TRP A 221 4.76 7.48 3.93
C TRP A 221 4.20 8.38 4.99
N LEU A 222 4.36 7.94 6.21
CA LEU A 222 3.90 8.72 7.32
C LEU A 222 5.08 9.15 8.19
N ASP A 223 4.92 10.32 8.79
CA ASP A 223 5.57 10.58 10.02
C ASP A 223 4.59 10.94 11.17
N THR A 224 5.09 10.75 12.30
CA THR A 224 4.33 10.59 13.43
C THR A 224 4.61 11.91 14.16
N GLY A 225 4.49 13.03 13.44
CA GLY A 225 4.97 14.34 13.95
C GLY A 225 4.13 14.92 15.08
N THR A 226 2.82 14.73 14.96
CA THR A 226 1.84 15.41 15.83
C THR A 226 0.95 14.36 16.47
N HIS A 227 0.12 14.78 17.44
CA HIS A 227 -0.85 13.83 18.06
C HIS A 227 -1.81 13.29 17.05
N GLU A 228 -2.27 14.18 16.16
CA GLU A 228 -3.17 13.82 15.11
C GLU A 228 -2.54 12.80 14.14
N SER A 229 -1.31 13.08 13.69
CA SER A 229 -0.67 12.27 12.65
C SER A 229 -0.25 10.92 13.20
N LEU A 230 0.06 10.91 14.49
CA LEU A 230 0.43 9.68 15.14
C LEU A 230 -0.78 8.77 15.21
N LEU A 231 -1.91 9.32 15.62
CA LEU A 231 -3.13 8.55 15.67
C LEU A 231 -3.52 8.02 14.29
N GLN A 232 -3.40 8.90 13.27
CA GLN A 232 -3.66 8.50 11.90
C GLN A 232 -2.76 7.33 11.46
N ALA A 233 -1.50 7.42 11.74
CA ALA A 233 -0.58 6.30 11.42
C ALA A 233 -1.01 4.97 12.06
N SER A 234 -1.38 5.01 13.34
CA SER A 234 -1.91 3.85 14.04
C SER A 234 -3.16 3.28 13.37
N GLN A 235 -4.06 4.15 12.95
CA GLN A 235 -5.31 3.72 12.33
C GLN A 235 -5.04 3.04 11.01
N PHE A 236 -4.06 3.56 10.28
CA PHE A 236 -3.67 3.03 9.00
C PHE A 236 -3.12 1.61 9.15
N ILE A 237 -2.18 1.42 10.08
CA ILE A 237 -1.60 0.12 10.29
C ILE A 237 -2.65 -0.86 10.81
N GLU A 238 -3.52 -0.40 11.71
CA GLU A 238 -4.62 -1.26 12.22
C GLU A 238 -5.46 -1.77 11.04
N THR A 239 -5.82 -0.89 10.09
CA THR A 239 -6.67 -1.31 8.94
C THR A 239 -6.00 -2.41 8.14
N ILE A 240 -4.71 -2.21 7.82
CA ILE A 240 -3.91 -3.22 7.12
C ILE A 240 -3.80 -4.56 7.86
N GLU A 241 -3.53 -4.52 9.16
CA GLU A 241 -3.33 -5.77 9.94
C GLU A 241 -4.67 -6.50 10.24
N LYS A 242 -5.72 -5.76 10.48
CA LYS A 242 -7.03 -6.37 10.74
C LYS A 242 -7.50 -7.16 9.54
N ARG A 243 -7.24 -6.64 8.35
CA ARG A 243 -7.74 -7.27 7.14
C ARG A 243 -6.96 -8.53 6.79
N GLN A 244 -5.69 -8.58 7.16
CA GLN A 244 -4.74 -9.61 6.70
C GLN A 244 -4.34 -10.60 7.80
N SER A 245 -3.75 -11.71 7.36
CA SER A 245 -3.24 -12.69 8.31
C SER A 245 -1.82 -12.35 8.69
N LEU A 246 -1.29 -11.30 8.08
CA LEU A 246 0.15 -10.93 8.16
C LEU A 246 0.29 -9.62 8.94
N LYS A 247 1.39 -9.45 9.67
CA LYS A 247 1.68 -8.21 10.40
C LYS A 247 2.68 -7.35 9.63
N VAL A 248 2.71 -6.04 9.94
CA VAL A 248 3.72 -5.12 9.36
C VAL A 248 4.78 -4.89 10.44
N ALA A 249 6.05 -5.08 10.07
CA ALA A 249 7.20 -4.71 10.91
C ALA A 249 7.24 -5.60 12.16
N CYS A 250 6.90 -6.86 11.96
CA CYS A 250 7.17 -7.86 12.98
C CYS A 250 8.61 -8.35 12.85
N LEU A 251 9.51 -7.85 13.68
CA LEU A 251 10.92 -8.03 13.48
C LEU A 251 11.34 -9.52 13.43
N GLU A 252 10.81 -10.30 14.36
CA GLU A 252 11.23 -11.73 14.44
C GLU A 252 10.79 -12.45 13.18
N GLU A 253 9.59 -12.14 12.71
CA GLU A 253 9.13 -12.72 11.46
C GLU A 253 10.08 -12.39 10.29
N ILE A 254 10.50 -11.13 10.22
CA ILE A 254 11.39 -10.71 9.13
C ILE A 254 12.72 -11.41 9.27
N ALA A 255 13.27 -11.48 10.48
CA ALA A 255 14.48 -12.30 10.68
C ALA A 255 14.36 -13.71 10.15
N TYR A 256 13.21 -14.36 10.39
CA TYR A 256 13.01 -15.74 9.93
C TYR A 256 12.82 -15.79 8.39
N ARG A 257 11.96 -14.92 7.87
CA ARG A 257 11.73 -14.84 6.42
C ARG A 257 13.01 -14.53 5.65
N MET A 258 13.93 -13.79 6.26
CA MET A 258 15.17 -13.41 5.58
C MET A 258 16.23 -14.48 5.75
N GLY A 259 15.90 -15.52 6.52
CA GLY A 259 16.83 -16.62 6.78
C GLY A 259 17.90 -16.29 7.81
N TYR A 260 17.73 -15.17 8.52
CA TYR A 260 18.73 -14.76 9.54
C TYR A 260 18.70 -15.68 10.76
N ILE A 261 17.51 -16.21 11.06
CA ILE A 261 17.32 -17.17 12.12
C ILE A 261 16.55 -18.37 11.60
N SER A 262 16.68 -19.49 12.31
CA SER A 262 16.06 -20.75 11.90
C SER A 262 14.63 -20.88 12.45
N ARG A 263 13.89 -21.87 11.97
CA ARG A 263 12.59 -22.22 12.58
C ARG A 263 12.75 -22.56 14.07
N GLU A 264 13.77 -23.36 14.42
CA GLU A 264 14.02 -23.67 15.84
C GLU A 264 14.25 -22.41 16.66
N GLN A 265 15.02 -21.48 16.12
CA GLN A 265 15.32 -20.24 16.82
C GLN A 265 14.06 -19.39 16.95
N LEU A 266 13.24 -19.40 15.91
CA LEU A 266 11.97 -18.66 15.99
C LEU A 266 10.99 -19.25 17.04
N ILE A 267 10.91 -20.57 17.12
CA ILE A 267 10.17 -21.20 18.22
C ILE A 267 10.61 -20.74 19.63
N LYS A 268 11.91 -20.66 19.83
CA LYS A 268 12.49 -20.23 21.08
C LYS A 268 12.14 -18.79 21.42
N LEU A 269 12.04 -17.93 20.40
CA LEU A 269 11.57 -16.53 20.60
C LEU A 269 10.09 -16.48 20.94
N ALA A 270 9.30 -17.34 20.26
CA ALA A 270 7.85 -17.37 20.42
C ALA A 270 7.43 -17.88 21.83
N GLU A 271 8.19 -18.84 22.37
CA GLU A 271 7.80 -19.47 23.66
C GLU A 271 7.46 -18.50 24.79
N PRO A 272 8.38 -17.57 25.15
CA PRO A 272 8.09 -16.66 26.27
C PRO A 272 7.01 -15.61 25.94
N LEU A 273 6.54 -15.62 24.71
CA LEU A 273 5.47 -14.66 24.27
C LEU A 273 4.17 -15.38 23.94
N MET A 274 4.10 -16.69 24.21
CA MET A 274 2.87 -17.47 23.94
C MET A 274 1.69 -16.98 24.81
N LYS A 275 2.00 -16.25 25.87
CA LYS A 275 0.99 -15.62 26.72
C LYS A 275 0.26 -14.45 26.01
N ASN A 276 0.72 -14.11 24.82
CA ASN A 276 0.08 -13.01 24.07
C ASN A 276 -0.03 -13.28 22.56
N GLU A 277 -0.83 -12.46 21.85
CA GLU A 277 -1.13 -12.73 20.46
C GLU A 277 0.12 -12.64 19.56
N TYR A 278 1.05 -11.80 19.94
CA TYR A 278 2.28 -11.61 19.17
C TYR A 278 3.07 -12.91 19.17
N GLY A 279 3.25 -13.52 20.34
CA GLY A 279 3.86 -14.83 20.40
C GLY A 279 3.14 -15.89 19.61
N GLN A 280 1.83 -15.92 19.75
CA GLN A 280 1.04 -16.86 19.02
C GLN A 280 1.25 -16.76 17.51
N TYR A 281 1.29 -15.52 17.01
CA TYR A 281 1.57 -15.22 15.59
C TYR A 281 2.91 -15.80 15.16
N LEU A 282 3.92 -15.59 15.99
CA LEU A 282 5.26 -16.10 15.71
C LEU A 282 5.28 -17.64 15.68
N MET A 283 4.62 -18.25 16.67
CA MET A 283 4.58 -19.72 16.75
C MET A 283 3.86 -20.31 15.51
N ASN A 284 2.76 -19.68 15.11
CA ASN A 284 2.04 -20.11 13.89
C ASN A 284 2.88 -20.06 12.62
N LEU A 285 3.67 -18.98 12.50
CA LEU A 285 4.66 -18.87 11.46
C LEU A 285 5.74 -19.97 11.50
N ALA A 286 6.31 -20.21 12.69
CA ALA A 286 7.38 -21.20 12.82
C ALA A 286 6.88 -22.62 12.48
N HIS A 287 5.61 -22.89 12.74
CA HIS A 287 5.07 -24.24 12.46
C HIS A 287 4.50 -24.33 11.06
N ARG A 288 4.53 -23.23 10.32
CA ARG A 288 3.94 -23.23 9.00
C ARG A 288 4.82 -24.00 8.00
N SER A 289 4.19 -24.70 7.06
CA SER A 289 4.95 -25.46 6.10
C SER A 289 5.90 -24.52 5.34
N LYS A 290 7.14 -24.96 5.15
CA LYS A 290 8.18 -24.11 4.57
C LYS A 290 7.83 -23.68 3.14
N ASP A 291 7.06 -24.52 2.43
CA ASP A 291 6.57 -24.13 1.09
C ASP A 291 5.58 -22.99 1.13
N LEU A 292 4.61 -23.05 2.05
CA LEU A 292 3.64 -21.96 2.22
C LEU A 292 4.33 -20.64 2.61
N VAL A 293 5.38 -20.73 3.43
CA VAL A 293 6.09 -19.53 3.89
C VAL A 293 6.76 -18.82 2.72
N THR A 294 7.39 -19.59 1.84
CA THR A 294 7.86 -19.08 0.56
C THR A 294 6.68 -18.57 -0.28
N MET B 1 -11.37 -4.84 -24.04
CA MET B 1 -12.04 -5.75 -23.07
C MET B 1 -13.18 -4.95 -22.48
N LYS B 2 -14.32 -5.60 -22.28
CA LYS B 2 -15.44 -5.01 -21.53
C LYS B 2 -15.33 -5.22 -20.01
N GLY B 3 -16.15 -4.48 -19.28
CA GLY B 3 -16.19 -4.64 -17.81
C GLY B 3 -17.60 -4.82 -17.29
N ILE B 4 -17.72 -5.51 -16.16
CA ILE B 4 -19.02 -5.60 -15.48
C ILE B 4 -18.77 -5.28 -14.02
N ILE B 5 -19.58 -4.39 -13.43
CA ILE B 5 -19.54 -4.21 -11.95
C ILE B 5 -20.80 -4.81 -11.36
N LEU B 6 -20.61 -5.90 -10.60
CA LEU B 6 -21.75 -6.59 -9.96
C LEU B 6 -22.06 -5.90 -8.60
N SER B 7 -23.24 -5.31 -8.51
CA SER B 7 -23.54 -4.33 -7.48
C SER B 7 -24.94 -4.57 -6.92
N GLY B 8 -25.29 -5.83 -6.77
CA GLY B 8 -26.57 -6.20 -6.11
C GLY B 8 -26.41 -6.43 -4.62
N GLY B 9 -27.25 -7.29 -4.06
CA GLY B 9 -27.20 -7.50 -2.60
C GLY B 9 -28.43 -7.04 -1.83
N SER B 10 -28.65 -7.64 -0.67
CA SER B 10 -29.90 -7.51 0.08
C SER B 10 -29.90 -6.22 0.90
N GLY B 11 -28.71 -5.76 1.27
CA GLY B 11 -28.59 -4.57 2.10
C GLY B 11 -28.85 -4.86 3.56
N THR B 12 -28.97 -6.15 3.89
CA THR B 12 -29.27 -6.57 5.26
C THR B 12 -28.21 -6.19 6.29
N ARG B 13 -26.95 -6.44 5.96
CA ARG B 13 -25.88 -6.29 6.93
C ARG B 13 -25.71 -4.84 7.40
N LEU B 14 -25.87 -3.92 6.47
CA LEU B 14 -25.60 -2.50 6.78
C LEU B 14 -26.86 -1.72 7.10
N TYR B 15 -28.01 -2.41 7.17
CA TYR B 15 -29.25 -1.78 7.62
C TYR B 15 -28.99 -1.06 8.95
N PRO B 16 -29.55 0.17 9.13
CA PRO B 16 -30.53 0.81 8.32
C PRO B 16 -29.93 1.76 7.25
N LEU B 17 -28.61 1.77 7.08
CA LEU B 17 -28.04 2.65 6.03
C LEU B 17 -28.66 2.42 4.67
N THR B 18 -28.91 1.14 4.39
CA THR B 18 -29.40 0.71 3.12
C THR B 18 -30.90 0.95 2.93
N LYS B 19 -31.59 1.50 3.94
CA LYS B 19 -32.94 2.04 3.70
C LYS B 19 -32.89 3.26 2.78
N VAL B 20 -31.76 3.98 2.83
CA VAL B 20 -31.55 5.18 2.00
C VAL B 20 -31.13 4.85 0.56
N VAL B 21 -30.02 4.10 0.45
CA VAL B 21 -29.52 3.61 -0.86
C VAL B 21 -28.77 2.33 -0.74
N SER B 22 -28.51 1.74 -1.90
CA SER B 22 -27.74 0.55 -2.05
C SER B 22 -26.42 0.73 -1.34
N LYS B 23 -25.89 -0.34 -0.83
CA LYS B 23 -24.61 -0.34 -0.16
C LYS B 23 -23.52 0.29 -1.02
N GLN B 24 -23.54 0.00 -2.31
CA GLN B 24 -22.44 0.47 -3.18
C GLN B 24 -22.55 1.95 -3.57
N LEU B 25 -23.54 2.65 -3.05
CA LEU B 25 -23.60 4.09 -3.24
C LEU B 25 -23.28 4.88 -1.96
N LEU B 26 -23.04 4.16 -0.88
CA LEU B 26 -22.70 4.82 0.39
C LEU B 26 -21.25 5.38 0.29
N PRO B 27 -20.92 6.37 1.15
CA PRO B 27 -19.59 6.98 1.17
C PRO B 27 -18.54 6.01 1.58
N VAL B 28 -17.40 6.08 0.90
CA VAL B 28 -16.15 5.63 1.47
C VAL B 28 -15.21 6.85 1.58
N TYR B 29 -15.19 7.42 2.79
CA TYR B 29 -14.58 8.70 3.07
C TYR B 29 -15.24 9.85 2.29
N ASP B 30 -14.82 10.06 1.05
CA ASP B 30 -15.23 11.25 0.29
C ASP B 30 -15.86 10.94 -1.08
N LYS B 31 -16.04 9.67 -1.42
CA LYS B 31 -16.67 9.32 -2.71
C LYS B 31 -17.59 8.16 -2.50
N PRO B 32 -18.62 8.02 -3.36
CA PRO B 32 -19.50 6.88 -3.27
C PRO B 32 -18.69 5.58 -3.50
N MET B 33 -19.06 4.51 -2.78
CA MET B 33 -18.30 3.25 -2.84
C MET B 33 -18.01 2.84 -4.29
N VAL B 34 -19.02 2.86 -5.14
CA VAL B 34 -18.82 2.30 -6.53
C VAL B 34 -17.74 3.04 -7.35
N TYR B 35 -17.37 4.26 -6.96
CA TYR B 35 -16.21 4.93 -7.60
C TYR B 35 -14.97 4.02 -7.57
N TYR B 36 -14.78 3.29 -6.46
CA TYR B 36 -13.55 2.61 -6.25
C TYR B 36 -13.35 1.39 -7.25
N PRO B 37 -14.36 0.50 -7.34
CA PRO B 37 -14.25 -0.56 -8.36
C PRO B 37 -14.38 -0.03 -9.80
N LEU B 38 -15.19 1.02 -10.03
CA LEU B 38 -15.20 1.64 -11.39
C LEU B 38 -13.81 2.20 -11.77
N SER B 39 -13.10 2.79 -10.81
CA SER B 39 -11.77 3.35 -11.07
C SER B 39 -10.80 2.26 -11.55
N VAL B 40 -10.94 1.07 -10.93
CA VAL B 40 -10.08 -0.10 -11.23
C VAL B 40 -10.28 -0.58 -12.67
N LEU B 41 -11.54 -0.69 -13.09
CA LEU B 41 -11.81 -1.04 -14.49
C LEU B 41 -11.24 0.03 -15.41
N MET B 42 -11.44 1.31 -15.07
CA MET B 42 -10.97 2.40 -15.95
C MET B 42 -9.46 2.41 -16.07
N LEU B 43 -8.77 2.16 -14.95
CA LEU B 43 -7.33 2.04 -14.98
C LEU B 43 -6.77 0.84 -15.76
N ALA B 44 -7.59 -0.20 -15.88
CA ALA B 44 -7.22 -1.37 -16.69
C ALA B 44 -7.32 -1.09 -18.20
N GLY B 45 -7.88 0.06 -18.56
CA GLY B 45 -8.09 0.39 -19.99
C GLY B 45 -9.46 -0.01 -20.44
N ILE B 46 -10.35 -0.27 -19.48
CA ILE B 46 -11.72 -0.66 -19.79
C ILE B 46 -12.65 0.54 -19.77
N LYS B 47 -13.33 0.78 -20.90
CA LYS B 47 -14.16 1.96 -21.04
C LYS B 47 -15.58 1.65 -21.56
N ASP B 48 -15.94 0.37 -21.56
CA ASP B 48 -17.28 -0.04 -21.92
C ASP B 48 -17.74 -1.00 -20.85
N ILE B 49 -18.60 -0.51 -19.97
CA ILE B 49 -18.86 -1.19 -18.65
C ILE B 49 -20.39 -1.36 -18.41
N LEU B 50 -20.77 -2.51 -17.90
CA LEU B 50 -22.16 -2.78 -17.54
C LEU B 50 -22.21 -2.82 -16.01
N ILE B 51 -23.16 -2.09 -15.43
CA ILE B 51 -23.39 -2.14 -13.98
C ILE B 51 -24.69 -2.95 -13.77
N ILE B 52 -24.60 -4.01 -12.95
CA ILE B 52 -25.75 -4.89 -12.64
C ILE B 52 -26.13 -4.67 -11.17
N SER B 53 -27.40 -4.37 -10.90
CA SER B 53 -27.87 -4.34 -9.52
C SER B 53 -29.29 -4.87 -9.47
N THR B 54 -29.97 -4.65 -8.35
CA THR B 54 -31.30 -5.21 -8.17
C THR B 54 -32.29 -4.39 -8.96
N PRO B 55 -33.54 -4.89 -9.07
CA PRO B 55 -34.56 -4.10 -9.75
C PRO B 55 -34.75 -2.73 -9.12
N GLU B 56 -34.74 -2.69 -7.78
CA GLU B 56 -34.94 -1.43 -7.06
C GLU B 56 -33.75 -0.48 -7.20
N ASP B 57 -32.53 -1.03 -7.13
CA ASP B 57 -31.33 -0.21 -6.92
C ASP B 57 -30.68 0.25 -8.21
N THR B 58 -30.84 -0.52 -9.27
CA THR B 58 -30.18 -0.22 -10.54
C THR B 58 -30.38 1.22 -11.00
N PRO B 59 -31.63 1.75 -10.92
CA PRO B 59 -31.86 3.15 -11.35
C PRO B 59 -31.08 4.20 -10.57
N ARG B 60 -30.75 3.92 -9.31
CA ARG B 60 -29.98 4.88 -8.53
C ARG B 60 -28.53 4.97 -9.05
N PHE B 61 -27.99 3.84 -9.52
CA PHE B 61 -26.62 3.87 -10.06
C PHE B 61 -26.66 4.68 -11.34
N GLU B 62 -27.67 4.43 -12.15
CA GLU B 62 -27.82 5.18 -13.38
C GLU B 62 -28.03 6.68 -13.11
N GLN B 63 -28.68 7.02 -11.99
CA GLN B 63 -28.84 8.44 -11.65
C GLN B 63 -27.53 9.09 -11.23
N LEU B 64 -26.62 8.31 -10.64
CA LEU B 64 -25.32 8.81 -10.23
C LEU B 64 -24.39 8.99 -11.43
N LEU B 65 -24.28 7.93 -12.23
CA LEU B 65 -23.21 7.84 -13.24
C LEU B 65 -23.67 8.11 -14.68
N GLY B 66 -24.97 8.01 -14.92
CA GLY B 66 -25.52 8.20 -16.27
C GLY B 66 -24.88 7.25 -17.28
N GLY B 67 -24.74 7.72 -18.52
CA GLY B 67 -24.17 6.86 -19.54
C GLY B 67 -22.67 6.96 -19.65
N GLY B 68 -22.02 7.72 -18.76
CA GLY B 68 -20.55 7.75 -18.68
C GLY B 68 -19.90 8.83 -19.54
N SER B 69 -20.71 9.59 -20.29
CA SER B 69 -20.12 10.55 -21.24
C SER B 69 -19.17 11.60 -20.64
N GLU B 70 -19.44 12.07 -19.41
CA GLU B 70 -18.56 13.05 -18.76
C GLU B 70 -17.17 12.48 -18.50
N LEU B 71 -17.10 11.14 -18.44
CA LEU B 71 -15.83 10.46 -18.14
C LEU B 71 -15.23 9.88 -19.39
N GLY B 72 -15.87 10.17 -20.53
CA GLY B 72 -15.41 9.60 -21.81
C GLY B 72 -15.57 8.10 -21.95
N ILE B 73 -16.44 7.50 -21.12
CA ILE B 73 -16.66 6.06 -21.21
C ILE B 73 -18.11 5.76 -21.57
N SER B 74 -18.44 4.49 -21.73
CA SER B 74 -19.82 4.07 -21.98
C SER B 74 -20.24 3.19 -20.79
N LEU B 75 -21.30 3.59 -20.14
CA LEU B 75 -21.89 2.82 -19.04
C LEU B 75 -23.29 2.38 -19.45
N SER B 76 -23.61 1.10 -19.12
CA SER B 76 -24.87 0.41 -19.45
C SER B 76 -25.34 -0.20 -18.15
N TYR B 77 -26.62 -0.53 -18.05
CA TYR B 77 -27.15 -1.06 -16.79
C TYR B 77 -28.00 -2.26 -17.10
N ALA B 78 -27.97 -3.25 -16.21
CA ALA B 78 -28.89 -4.35 -16.28
C ALA B 78 -29.28 -4.83 -14.90
N VAL B 79 -30.46 -5.44 -14.82
CA VAL B 79 -31.04 -5.80 -13.52
C VAL B 79 -30.82 -7.29 -13.30
N GLN B 80 -30.39 -7.64 -12.09
CA GLN B 80 -30.39 -9.04 -11.66
C GLN B 80 -31.61 -9.27 -10.78
N SER B 81 -32.51 -10.14 -11.25
CA SER B 81 -33.79 -10.39 -10.55
C SER B 81 -33.60 -11.06 -9.19
N SER B 82 -32.71 -12.06 -9.15
CA SER B 82 -32.47 -12.85 -7.94
C SER B 82 -30.94 -13.01 -7.80
N PRO B 83 -30.41 -13.03 -6.56
CA PRO B 83 -28.96 -13.18 -6.44
C PRO B 83 -28.50 -14.63 -6.61
N ASP B 84 -28.50 -15.07 -7.86
CA ASP B 84 -28.30 -16.47 -8.14
C ASP B 84 -26.81 -16.85 -8.18
N GLY B 85 -25.92 -15.86 -8.03
CA GLY B 85 -24.47 -16.11 -7.87
C GLY B 85 -23.64 -15.19 -8.79
N LEU B 86 -22.34 -15.06 -8.50
CA LEU B 86 -21.48 -14.13 -9.26
C LEU B 86 -21.50 -14.48 -10.73
N ALA B 87 -21.47 -15.77 -11.04
CA ALA B 87 -21.29 -16.20 -12.44
C ALA B 87 -22.48 -15.90 -13.29
N GLN B 88 -23.58 -15.57 -12.64
CA GLN B 88 -24.74 -15.12 -13.35
C GLN B 88 -24.50 -13.80 -14.08
N ALA B 89 -23.49 -13.03 -13.65
CA ALA B 89 -23.20 -11.76 -14.33
C ALA B 89 -22.98 -11.99 -15.83
N PHE B 90 -22.32 -13.09 -16.18
CA PHE B 90 -21.91 -13.33 -17.58
C PHE B 90 -23.09 -13.81 -18.41
N ILE B 91 -24.12 -14.26 -17.72
CA ILE B 91 -25.39 -14.64 -18.40
C ILE B 91 -26.27 -13.44 -18.63
N ILE B 92 -26.53 -12.68 -17.56
CA ILE B 92 -27.17 -11.38 -17.66
C ILE B 92 -26.45 -10.48 -18.70
N GLY B 93 -25.12 -10.55 -18.71
CA GLY B 93 -24.33 -9.71 -19.58
C GLY B 93 -23.99 -10.32 -20.93
N GLU B 94 -24.64 -11.43 -21.30
CA GLU B 94 -24.21 -12.13 -22.52
C GLU B 94 -24.26 -11.20 -23.75
N GLU B 95 -25.37 -10.46 -23.90
CA GLU B 95 -25.53 -9.64 -25.11
C GLU B 95 -24.52 -8.47 -25.07
N PHE B 96 -24.33 -7.92 -23.89
CA PHE B 96 -23.37 -6.82 -23.70
C PHE B 96 -21.94 -7.28 -24.08
N ILE B 97 -21.58 -8.48 -23.66
CA ILE B 97 -20.22 -8.97 -23.84
C ILE B 97 -19.94 -9.28 -25.34
N GLY B 98 -20.93 -9.86 -26.01
CA GLY B 98 -20.73 -10.31 -27.40
C GLY B 98 -19.54 -11.22 -27.52
N ASP B 99 -18.60 -10.89 -28.40
CA ASP B 99 -17.45 -11.76 -28.60
C ASP B 99 -16.22 -11.30 -27.88
N ASP B 100 -16.39 -10.32 -26.98
CA ASP B 100 -15.26 -9.63 -26.36
C ASP B 100 -14.75 -10.37 -25.13
N ASN B 101 -13.55 -10.01 -24.70
CA ASN B 101 -13.04 -10.34 -23.35
C ASN B 101 -13.79 -9.47 -22.32
N VAL B 102 -13.79 -9.88 -21.06
CA VAL B 102 -14.59 -9.18 -20.09
C VAL B 102 -13.99 -9.40 -18.70
N ALA B 103 -14.02 -8.31 -17.90
CA ALA B 103 -13.56 -8.37 -16.52
C ALA B 103 -14.78 -8.09 -15.66
N LEU B 104 -14.80 -8.77 -14.52
CA LEU B 104 -15.87 -8.62 -13.54
C LEU B 104 -15.25 -8.09 -12.23
N VAL B 105 -15.86 -7.07 -11.64
CA VAL B 105 -15.41 -6.58 -10.33
C VAL B 105 -16.63 -6.42 -9.42
N LEU B 106 -16.46 -6.76 -8.15
CA LEU B 106 -17.55 -6.57 -7.21
C LEU B 106 -17.67 -5.07 -6.80
N GLY B 107 -18.89 -4.59 -6.73
CA GLY B 107 -19.20 -3.16 -6.58
C GLY B 107 -18.79 -2.66 -5.19
N ASP B 108 -18.56 -3.59 -4.27
CA ASP B 108 -18.17 -3.22 -2.88
C ASP B 108 -16.74 -3.52 -2.56
N ASN B 109 -15.92 -3.74 -3.58
CA ASN B 109 -14.46 -4.10 -3.35
C ASN B 109 -13.60 -2.88 -3.59
N ILE B 110 -12.61 -2.72 -2.73
CA ILE B 110 -11.66 -1.59 -2.86
C ILE B 110 -10.26 -2.13 -2.87
N PHE B 111 -9.52 -1.86 -3.96
CA PHE B 111 -8.12 -2.32 -4.07
C PHE B 111 -7.20 -1.13 -4.00
N TYR B 112 -6.04 -1.22 -3.35
CA TYR B 112 -5.11 -0.10 -3.40
C TYR B 112 -3.71 -0.62 -3.18
N GLY B 113 -2.82 -0.29 -4.09
CA GLY B 113 -1.42 -0.51 -3.80
C GLY B 113 -0.53 -0.15 -4.96
N HIS B 114 0.74 0.01 -4.65
CA HIS B 114 1.70 0.37 -5.67
C HIS B 114 1.83 -0.75 -6.70
N GLY B 115 1.89 -0.33 -7.97
CA GLY B 115 2.11 -1.25 -9.07
C GLY B 115 0.83 -1.95 -9.50
N PHE B 116 -0.29 -1.58 -8.90
CA PHE B 116 -1.57 -2.26 -9.24
C PHE B 116 -1.97 -2.01 -10.68
N THR B 117 -1.79 -0.79 -11.18
CA THR B 117 -2.23 -0.46 -12.54
C THR B 117 -1.48 -1.30 -13.58
N GLU B 118 -0.19 -1.54 -13.35
CA GLU B 118 0.57 -2.46 -14.26
C GLU B 118 -0.04 -3.85 -14.31
N LEU B 119 -0.45 -4.34 -13.15
CA LEU B 119 -1.06 -5.65 -13.08
C LEU B 119 -2.40 -5.64 -13.84
N LEU B 120 -3.20 -4.59 -13.64
CA LEU B 120 -4.54 -4.48 -14.32
C LEU B 120 -4.36 -4.43 -15.85
N GLN B 121 -3.41 -3.60 -16.29
CA GLN B 121 -3.15 -3.49 -17.74
C GLN B 121 -2.71 -4.81 -18.36
N ARG B 122 -1.86 -5.51 -17.67
CA ARG B 122 -1.38 -6.80 -18.16
C ARG B 122 -2.53 -7.80 -18.28
N ALA B 123 -3.37 -7.84 -17.27
CA ALA B 123 -4.55 -8.69 -17.28
C ALA B 123 -5.49 -8.34 -18.45
N ALA B 124 -5.73 -7.05 -18.68
CA ALA B 124 -6.72 -6.61 -19.64
C ALA B 124 -6.20 -6.88 -21.07
N ASN B 125 -4.89 -7.00 -21.19
CA ASN B 125 -4.22 -7.16 -22.50
C ASN B 125 -3.85 -8.60 -22.86
N ARG B 126 -4.13 -9.53 -21.95
CA ARG B 126 -4.00 -10.95 -22.29
C ARG B 126 -4.93 -11.28 -23.46
N LYS B 127 -4.42 -11.96 -24.47
CA LYS B 127 -5.30 -12.32 -25.56
C LYS B 127 -6.12 -13.59 -25.23
N SER B 128 -5.62 -14.41 -24.32
CA SER B 128 -6.39 -15.58 -23.89
C SER B 128 -6.16 -15.95 -22.42
N GLY B 129 -7.07 -16.73 -21.88
CA GLY B 129 -7.00 -17.18 -20.46
C GLY B 129 -7.77 -16.26 -19.49
N ALA B 130 -7.36 -16.31 -18.25
CA ALA B 130 -8.07 -15.59 -17.17
C ALA B 130 -7.02 -15.14 -16.19
N THR B 131 -7.31 -14.04 -15.49
CA THR B 131 -6.44 -13.59 -14.38
C THR B 131 -7.30 -13.38 -13.15
N ILE B 132 -6.85 -13.91 -12.01
CA ILE B 132 -7.51 -13.58 -10.73
C ILE B 132 -6.42 -13.15 -9.76
N PHE B 133 -6.81 -12.70 -8.57
CA PHE B 133 -5.87 -12.08 -7.65
C PHE B 133 -6.05 -12.74 -6.29
N GLY B 134 -4.96 -13.21 -5.70
CA GLY B 134 -4.99 -13.81 -4.37
C GLY B 134 -4.52 -12.81 -3.36
N TYR B 135 -5.06 -12.92 -2.14
CA TYR B 135 -4.72 -11.95 -1.05
C TYR B 135 -4.66 -12.69 0.26
N ASN B 136 -3.69 -12.36 1.10
CA ASN B 136 -3.58 -13.03 2.41
C ASN B 136 -4.58 -12.48 3.42
N VAL B 137 -5.85 -12.78 3.23
CA VAL B 137 -6.89 -12.13 4.02
C VAL B 137 -7.05 -12.89 5.35
N LYS B 138 -7.44 -12.18 6.40
CA LYS B 138 -7.86 -12.90 7.60
C LYS B 138 -9.06 -13.83 7.28
N ASP B 139 -9.01 -15.04 7.82
CA ASP B 139 -10.08 -16.03 7.62
C ASP B 139 -10.36 -16.32 6.17
N PRO B 140 -9.37 -16.85 5.48
CA PRO B 140 -9.48 -17.05 4.01
C PRO B 140 -10.56 -18.07 3.69
N GLN B 141 -10.92 -18.91 4.67
CA GLN B 141 -12.01 -19.92 4.52
C GLN B 141 -13.41 -19.32 4.23
N ARG B 142 -13.55 -18.00 4.39
CA ARG B 142 -14.79 -17.32 4.00
C ARG B 142 -14.88 -17.10 2.48
N PHE B 143 -13.81 -17.43 1.77
CA PHE B 143 -13.66 -17.08 0.35
C PHE B 143 -13.28 -18.32 -0.46
N GLY B 144 -13.05 -18.14 -1.77
CA GLY B 144 -12.30 -19.12 -2.55
C GLY B 144 -10.84 -19.13 -2.12
N VAL B 145 -10.29 -20.32 -1.93
CA VAL B 145 -8.89 -20.44 -1.47
C VAL B 145 -8.06 -21.14 -2.52
N VAL B 146 -6.86 -20.61 -2.78
CA VAL B 146 -5.99 -21.26 -3.73
C VAL B 146 -5.07 -22.31 -3.06
N GLU B 147 -4.79 -23.39 -3.78
CA GLU B 147 -3.82 -24.39 -3.35
C GLU B 147 -2.61 -24.41 -4.26
N PHE B 148 -1.41 -24.49 -3.66
CA PHE B 148 -0.14 -24.45 -4.43
C PHE B 148 0.60 -25.81 -4.43
N ASP B 149 1.34 -26.04 -5.50
CA ASP B 149 2.51 -26.93 -5.55
C ASP B 149 3.48 -26.80 -4.39
N GLU B 150 4.19 -27.91 -4.12
CA GLU B 150 5.58 -27.88 -3.64
C GLU B 150 6.41 -26.72 -4.23
N LYS B 151 6.17 -26.42 -5.50
CA LYS B 151 6.99 -25.44 -6.22
C LYS B 151 6.32 -24.06 -6.29
N GLY B 152 5.15 -23.95 -5.63
CA GLY B 152 4.44 -22.69 -5.54
C GLY B 152 3.59 -22.35 -6.77
N LYS B 153 3.28 -23.36 -7.60
CA LYS B 153 2.30 -23.15 -8.66
C LYS B 153 0.88 -23.46 -8.18
N VAL B 154 -0.09 -22.73 -8.73
CA VAL B 154 -1.48 -22.95 -8.36
C VAL B 154 -1.99 -24.27 -8.96
N ILE B 155 -2.53 -25.16 -8.12
CA ILE B 155 -2.99 -26.49 -8.58
C ILE B 155 -4.46 -26.74 -8.34
N SER B 156 -5.09 -25.92 -7.46
CA SER B 156 -6.50 -26.06 -7.19
C SER B 156 -7.09 -24.80 -6.58
N ILE B 157 -8.40 -24.67 -6.70
CA ILE B 157 -9.16 -23.66 -6.02
C ILE B 157 -10.37 -24.31 -5.36
N GLU B 158 -10.66 -23.94 -4.13
CA GLU B 158 -11.84 -24.43 -3.42
C GLU B 158 -12.62 -23.30 -2.80
N GLU B 159 -13.94 -23.32 -2.98
CA GLU B 159 -14.79 -22.29 -2.43
C GLU B 159 -15.11 -22.62 -0.98
N LYS B 160 -14.69 -21.75 -0.06
CA LYS B 160 -15.01 -21.88 1.34
C LYS B 160 -14.65 -23.28 1.90
N PRO B 161 -13.38 -23.68 1.79
CA PRO B 161 -12.97 -24.99 2.36
C PRO B 161 -13.12 -25.02 3.88
N GLU B 162 -13.45 -26.19 4.41
CA GLU B 162 -13.39 -26.40 5.85
C GLU B 162 -11.96 -26.16 6.38
N GLU B 163 -10.97 -26.62 5.61
CA GLU B 163 -9.60 -26.45 5.99
C GLU B 163 -8.78 -25.84 4.83
N PRO B 164 -8.52 -24.52 4.90
CA PRO B 164 -7.84 -23.82 3.80
C PRO B 164 -6.49 -24.43 3.52
N LYS B 165 -6.20 -24.64 2.23
CA LYS B 165 -4.92 -25.22 1.81
C LYS B 165 -3.82 -24.17 1.73
N SER B 166 -4.20 -22.91 1.86
CA SER B 166 -3.23 -21.81 1.85
C SER B 166 -3.83 -20.60 2.56
N SER B 167 -3.00 -19.58 2.73
CA SER B 167 -3.45 -18.32 3.32
C SER B 167 -4.11 -17.38 2.26
N TYR B 168 -4.10 -17.80 0.99
CA TYR B 168 -4.54 -16.88 -0.11
C TYR B 168 -5.95 -17.06 -0.51
N ALA B 169 -6.73 -16.01 -0.38
CA ALA B 169 -8.11 -15.99 -0.83
C ALA B 169 -8.21 -15.36 -2.20
N VAL B 170 -9.27 -15.70 -2.92
CA VAL B 170 -9.54 -15.10 -4.24
C VAL B 170 -10.38 -13.83 -4.11
N THR B 171 -9.80 -12.69 -4.49
CA THR B 171 -10.50 -11.41 -4.33
C THR B 171 -11.60 -11.22 -5.35
N GLY B 172 -12.34 -10.09 -5.25
CA GLY B 172 -13.52 -9.81 -6.09
C GLY B 172 -13.23 -9.13 -7.44
N LEU B 173 -12.12 -9.52 -8.08
CA LEU B 173 -11.75 -8.93 -9.36
C LEU B 173 -11.24 -10.02 -10.29
N TYR B 174 -11.87 -10.16 -11.48
CA TYR B 174 -11.53 -11.33 -12.32
C TYR B 174 -11.46 -10.88 -13.77
N PHE B 175 -10.46 -11.33 -14.52
CA PHE B 175 -10.39 -11.01 -15.93
C PHE B 175 -10.54 -12.31 -16.70
N TYR B 176 -11.33 -12.27 -17.77
CA TYR B 176 -11.61 -13.50 -18.57
C TYR B 176 -11.56 -13.23 -20.04
N ASP B 177 -11.26 -14.27 -20.81
CA ASP B 177 -11.50 -14.18 -22.24
C ASP B 177 -12.90 -14.64 -22.55
N ASN B 178 -13.27 -14.64 -23.82
CA ASN B 178 -14.66 -14.72 -24.15
C ASN B 178 -15.28 -16.11 -23.81
N ARG B 179 -14.44 -17.09 -23.49
CA ARG B 179 -14.95 -18.46 -23.14
C ARG B 179 -15.78 -18.42 -21.91
N VAL B 180 -15.63 -17.36 -21.12
CA VAL B 180 -16.36 -17.28 -19.86
C VAL B 180 -17.86 -17.31 -20.03
N VAL B 181 -18.37 -16.76 -21.13
CA VAL B 181 -19.80 -16.78 -21.31
C VAL B 181 -20.38 -18.22 -21.35
N ASP B 182 -19.83 -19.07 -22.21
CA ASP B 182 -20.32 -20.47 -22.29
C ASP B 182 -19.96 -21.30 -21.07
N ILE B 183 -18.83 -21.00 -20.44
CA ILE B 183 -18.55 -21.65 -19.17
C ILE B 183 -19.65 -21.33 -18.16
N ALA B 184 -20.00 -20.04 -18.05
CA ALA B 184 -21.03 -19.63 -17.08
C ALA B 184 -22.39 -20.29 -17.37
N LYS B 185 -22.70 -20.42 -18.65
CA LYS B 185 -23.93 -21.11 -19.06
C LYS B 185 -24.00 -22.59 -18.76
N ASN B 186 -22.87 -23.21 -18.44
CA ASN B 186 -22.84 -24.64 -18.23
C ASN B 186 -22.56 -24.98 -16.79
N ILE B 187 -22.35 -23.94 -15.97
CA ILE B 187 -22.13 -24.13 -14.54
C ILE B 187 -23.40 -24.71 -13.86
N THR B 188 -23.17 -25.56 -12.86
CA THR B 188 -24.23 -26.24 -12.07
C THR B 188 -24.40 -25.53 -10.70
N PRO B 189 -25.64 -25.20 -10.30
CA PRO B 189 -25.82 -24.62 -8.97
C PRO B 189 -25.13 -25.43 -7.89
N SER B 190 -24.46 -24.73 -6.98
CA SER B 190 -23.61 -25.35 -5.99
C SER B 190 -24.39 -25.85 -4.74
N ALA B 191 -23.67 -26.33 -3.71
CA ALA B 191 -24.30 -26.67 -2.42
C ALA B 191 -25.12 -25.52 -1.80
N ARG B 192 -24.80 -24.25 -2.12
CA ARG B 192 -25.63 -23.12 -1.65
C ARG B 192 -26.54 -22.56 -2.71
N GLY B 193 -26.78 -23.35 -3.75
CA GLY B 193 -27.72 -23.00 -4.78
C GLY B 193 -27.27 -21.89 -5.72
N GLU B 194 -25.95 -21.68 -5.83
CA GLU B 194 -25.44 -20.54 -6.62
C GLU B 194 -24.56 -20.95 -7.77
N LEU B 195 -24.49 -20.08 -8.80
CA LEU B 195 -23.54 -20.25 -9.86
C LEU B 195 -22.23 -19.60 -9.41
N GLU B 196 -21.26 -20.43 -9.07
CA GLU B 196 -20.04 -20.02 -8.30
C GLU B 196 -18.98 -19.49 -9.27
N ILE B 197 -18.36 -18.36 -8.92
CA ILE B 197 -17.23 -17.90 -9.72
C ILE B 197 -16.05 -18.87 -9.57
N THR B 198 -15.98 -19.60 -8.44
CA THR B 198 -14.88 -20.53 -8.28
C THR B 198 -14.94 -21.63 -9.36
N ASP B 199 -16.15 -21.97 -9.78
CA ASP B 199 -16.28 -22.95 -10.87
C ASP B 199 -15.79 -22.38 -12.20
N VAL B 200 -15.98 -21.09 -12.43
CA VAL B 200 -15.32 -20.46 -13.62
C VAL B 200 -13.80 -20.55 -13.54
N ASN B 201 -13.27 -20.13 -12.40
CA ASN B 201 -11.89 -20.12 -12.20
C ASN B 201 -11.27 -21.50 -12.30
N LYS B 202 -11.96 -22.50 -11.76
CA LYS B 202 -11.54 -23.91 -11.94
C LYS B 202 -11.50 -24.37 -13.43
N ALA B 203 -12.47 -23.88 -14.21
CA ALA B 203 -12.50 -24.17 -15.64
C ALA B 203 -11.24 -23.66 -16.35
N TYR B 204 -10.79 -22.44 -16.02
CA TYR B 204 -9.55 -21.94 -16.64
C TYR B 204 -8.33 -22.64 -16.13
N LEU B 205 -8.38 -23.06 -14.85
CA LEU B 205 -7.26 -23.84 -14.29
C LEU B 205 -7.09 -25.16 -15.04
N GLU B 206 -8.22 -25.83 -15.28
CA GLU B 206 -8.27 -27.14 -16.02
C GLU B 206 -7.72 -26.95 -17.43
N LEU B 207 -7.94 -25.77 -17.98
CA LEU B 207 -7.41 -25.47 -19.30
C LEU B 207 -5.93 -25.09 -19.30
N GLY B 208 -5.35 -24.93 -18.13
CA GLY B 208 -3.96 -24.51 -18.01
C GLY B 208 -3.78 -23.05 -18.40
N GLU B 209 -4.85 -22.28 -18.25
CA GLU B 209 -4.82 -20.90 -18.69
C GLU B 209 -5.32 -19.94 -17.62
N LEU B 210 -5.11 -20.30 -16.35
CA LEU B 210 -5.38 -19.36 -15.25
C LEU B 210 -4.09 -18.71 -14.75
N HIS B 211 -4.07 -17.38 -14.72
CA HIS B 211 -2.94 -16.64 -14.16
C HIS B 211 -3.40 -16.09 -12.83
N VAL B 212 -2.59 -16.29 -11.79
CA VAL B 212 -3.02 -15.85 -10.47
C VAL B 212 -2.00 -14.88 -9.98
N GLU B 213 -2.41 -13.63 -9.80
CA GLU B 213 -1.52 -12.60 -9.27
C GLU B 213 -1.66 -12.64 -7.80
N LEU B 214 -0.58 -12.93 -7.08
CA LEU B 214 -0.61 -12.90 -5.67
C LEU B 214 -0.32 -11.47 -5.17
N LEU B 215 -1.26 -10.87 -4.45
CA LEU B 215 -1.08 -9.52 -3.89
C LEU B 215 -0.59 -9.67 -2.46
N GLY B 216 0.64 -9.24 -2.22
CA GLY B 216 1.22 -9.41 -0.90
C GLY B 216 0.75 -8.35 0.07
N ARG B 217 1.39 -8.31 1.26
CA ARG B 217 0.85 -7.55 2.37
C ARG B 217 0.92 -6.04 2.20
N GLY B 218 1.67 -5.58 1.17
CA GLY B 218 1.77 -4.14 0.87
C GLY B 218 0.56 -3.61 0.08
N PHE B 219 -0.32 -4.54 -0.31
CA PHE B 219 -1.62 -4.18 -0.97
C PHE B 219 -2.70 -4.14 0.04
N ALA B 220 -3.68 -3.26 -0.19
CA ALA B 220 -4.91 -3.25 0.59
C ALA B 220 -6.07 -3.72 -0.27
N TRP B 221 -6.73 -4.76 0.18
CA TRP B 221 -7.99 -5.21 -0.48
C TRP B 221 -9.06 -5.19 0.56
N LEU B 222 -10.00 -4.27 0.43
CA LEU B 222 -11.02 -4.09 1.46
C LEU B 222 -12.39 -4.37 0.84
N ASP B 223 -13.28 -4.90 1.64
CA ASP B 223 -14.66 -4.81 1.29
C ASP B 223 -15.40 -4.26 2.51
N THR B 224 -16.56 -3.83 2.28
CA THR B 224 -17.08 -2.83 3.12
C THR B 224 -18.30 -3.54 3.71
N GLY B 225 -18.06 -4.72 4.29
CA GLY B 225 -19.14 -5.64 4.66
C GLY B 225 -19.97 -5.15 5.82
N THR B 226 -19.29 -4.69 6.87
CA THR B 226 -19.94 -4.35 8.13
C THR B 226 -19.86 -2.83 8.33
N HIS B 227 -20.61 -2.30 9.28
CA HIS B 227 -20.37 -0.92 9.69
C HIS B 227 -18.95 -0.66 10.10
N GLU B 228 -18.33 -1.57 10.85
CA GLU B 228 -16.98 -1.31 11.29
C GLU B 228 -16.03 -1.35 10.10
N SER B 229 -16.31 -2.23 9.14
CA SER B 229 -15.34 -2.42 8.00
C SER B 229 -15.47 -1.26 7.00
N LEU B 230 -16.69 -0.76 6.87
CA LEU B 230 -16.97 0.47 6.10
C LEU B 230 -16.22 1.68 6.70
N LEU B 231 -16.32 1.84 8.01
CA LEU B 231 -15.57 2.87 8.68
C LEU B 231 -14.04 2.72 8.52
N GLN B 232 -13.51 1.50 8.68
CA GLN B 232 -12.06 1.32 8.56
C GLN B 232 -11.59 1.64 7.14
N ALA B 233 -12.37 1.28 6.13
CA ALA B 233 -11.96 1.60 4.75
C ALA B 233 -11.95 3.12 4.57
N SER B 234 -12.95 3.79 5.15
CA SER B 234 -13.01 5.28 5.09
C SER B 234 -11.78 5.90 5.70
N GLN B 235 -11.41 5.39 6.86
CA GLN B 235 -10.23 5.90 7.57
C GLN B 235 -8.98 5.61 6.79
N PHE B 236 -8.96 4.46 6.11
CA PHE B 236 -7.81 4.09 5.31
C PHE B 236 -7.64 5.14 4.19
N ILE B 237 -8.70 5.43 3.43
CA ILE B 237 -8.61 6.39 2.31
C ILE B 237 -8.28 7.78 2.84
N GLU B 238 -8.88 8.14 3.97
CA GLU B 238 -8.60 9.48 4.55
C GLU B 238 -7.09 9.63 4.83
N THR B 239 -6.49 8.59 5.41
CA THR B 239 -5.06 8.64 5.73
C THR B 239 -4.23 8.90 4.46
N ILE B 240 -4.48 8.11 3.42
CA ILE B 240 -3.76 8.30 2.15
C ILE B 240 -3.94 9.70 1.56
N GLU B 241 -5.20 10.16 1.50
CA GLU B 241 -5.47 11.42 0.85
C GLU B 241 -5.04 12.66 1.68
N LYS B 242 -4.96 12.52 2.99
CA LYS B 242 -4.51 13.62 3.86
C LYS B 242 -3.01 13.82 3.69
N ARG B 243 -2.31 12.73 3.48
CA ARG B 243 -0.86 12.80 3.39
C ARG B 243 -0.43 13.30 2.00
N GLN B 244 -1.08 12.79 0.98
CA GLN B 244 -0.65 13.03 -0.37
C GLN B 244 -1.35 14.17 -1.01
N SER B 245 -0.78 14.59 -2.12
CA SER B 245 -1.43 15.52 -2.94
C SER B 245 -2.50 14.80 -3.77
N LEU B 246 -2.26 13.53 -4.10
CA LEU B 246 -3.12 12.81 -5.08
C LEU B 246 -4.33 12.12 -4.42
N LYS B 247 -5.45 12.03 -5.16
CA LYS B 247 -6.68 11.36 -4.68
C LYS B 247 -6.71 9.89 -5.10
N VAL B 248 -7.45 9.06 -4.35
CA VAL B 248 -7.71 7.68 -4.76
C VAL B 248 -9.07 7.63 -5.48
N ALA B 249 -9.10 7.02 -6.67
CA ALA B 249 -10.39 6.75 -7.38
C ALA B 249 -11.18 8.03 -7.70
N CYS B 250 -10.44 9.09 -8.05
CA CYS B 250 -11.09 10.28 -8.62
C CYS B 250 -11.34 10.03 -10.09
N LEU B 251 -12.60 9.75 -10.47
CA LEU B 251 -12.87 9.15 -11.80
C LEU B 251 -12.47 10.13 -12.91
N GLU B 252 -12.69 11.42 -12.67
CA GLU B 252 -12.44 12.45 -13.70
C GLU B 252 -10.91 12.54 -13.96
N GLU B 253 -10.12 12.44 -12.88
CA GLU B 253 -8.68 12.44 -13.03
C GLU B 253 -8.28 11.22 -13.83
N ILE B 254 -8.92 10.08 -13.52
CA ILE B 254 -8.51 8.83 -14.20
C ILE B 254 -8.91 8.90 -15.68
N ALA B 255 -10.08 9.45 -15.97
CA ALA B 255 -10.48 9.56 -17.38
C ALA B 255 -9.44 10.38 -18.15
N TYR B 256 -8.95 11.44 -17.53
CA TYR B 256 -7.96 12.30 -18.18
C TYR B 256 -6.62 11.57 -18.33
N ARG B 257 -6.14 10.96 -17.25
CA ARG B 257 -4.85 10.22 -17.32
C ARG B 257 -4.86 9.04 -18.32
N MET B 258 -6.03 8.39 -18.51
CA MET B 258 -6.15 7.26 -19.41
C MET B 258 -6.40 7.73 -20.87
N GLY B 259 -6.62 9.03 -21.05
CA GLY B 259 -6.91 9.57 -22.40
C GLY B 259 -8.34 9.36 -22.87
N TYR B 260 -9.27 9.06 -21.96
CA TYR B 260 -10.69 8.99 -22.35
C TYR B 260 -11.29 10.37 -22.60
N ILE B 261 -10.78 11.36 -21.91
CA ILE B 261 -11.18 12.76 -22.13
C ILE B 261 -9.95 13.63 -22.33
N SER B 262 -10.15 14.77 -22.98
CA SER B 262 -9.08 15.67 -23.27
C SER B 262 -8.88 16.62 -22.13
N ARG B 263 -7.86 17.46 -22.24
CA ARG B 263 -7.64 18.54 -21.27
C ARG B 263 -8.74 19.57 -21.25
N GLU B 264 -9.27 19.94 -22.42
CA GLU B 264 -10.34 20.93 -22.42
C GLU B 264 -11.59 20.35 -21.76
N GLN B 265 -11.84 19.05 -21.98
CA GLN B 265 -12.99 18.43 -21.35
C GLN B 265 -12.87 18.39 -19.83
N LEU B 266 -11.68 18.12 -19.34
CA LEU B 266 -11.44 18.07 -17.90
C LEU B 266 -11.65 19.48 -17.31
N ILE B 267 -11.18 20.51 -18.01
CA ILE B 267 -11.47 21.87 -17.55
C ILE B 267 -12.99 22.14 -17.46
N LYS B 268 -13.76 21.67 -18.46
CA LYS B 268 -15.18 21.89 -18.44
C LYS B 268 -15.87 21.11 -17.34
N LEU B 269 -15.30 19.98 -16.95
CA LEU B 269 -15.76 19.30 -15.72
C LEU B 269 -15.47 20.08 -14.45
N ALA B 270 -14.26 20.65 -14.36
CA ALA B 270 -13.81 21.38 -13.17
C ALA B 270 -14.59 22.68 -12.95
N GLU B 271 -14.94 23.37 -14.02
CA GLU B 271 -15.56 24.74 -13.88
C GLU B 271 -16.80 24.82 -12.96
N PRO B 272 -17.79 23.95 -13.17
CA PRO B 272 -18.94 24.11 -12.28
C PRO B 272 -18.70 23.62 -10.84
N LEU B 273 -17.54 23.06 -10.58
CA LEU B 273 -17.20 22.50 -9.25
C LEU B 273 -16.14 23.27 -8.49
N MET B 274 -15.84 24.47 -8.95
CA MET B 274 -14.73 25.20 -8.39
C MET B 274 -15.01 25.75 -6.97
N LYS B 275 -16.24 25.66 -6.51
CA LYS B 275 -16.53 26.02 -5.08
C LYS B 275 -16.23 24.88 -4.09
N ASN B 276 -15.71 23.77 -4.58
CA ASN B 276 -15.23 22.74 -3.68
C ASN B 276 -13.83 22.27 -4.09
N GLU B 277 -13.09 21.69 -3.15
CA GLU B 277 -11.72 21.33 -3.44
C GLU B 277 -11.59 20.15 -4.42
N TYR B 278 -12.69 19.45 -4.65
CA TYR B 278 -12.69 18.41 -5.74
C TYR B 278 -12.57 19.07 -7.13
N GLY B 279 -13.34 20.12 -7.34
CA GLY B 279 -13.25 20.89 -8.59
C GLY B 279 -11.88 21.51 -8.70
N GLN B 280 -11.40 22.06 -7.58
CA GLN B 280 -10.11 22.72 -7.55
C GLN B 280 -8.99 21.73 -7.93
N TYR B 281 -9.13 20.49 -7.48
CA TYR B 281 -8.13 19.44 -7.73
C TYR B 281 -8.05 19.16 -9.24
N LEU B 282 -9.22 19.07 -9.86
CA LEU B 282 -9.35 18.72 -11.28
C LEU B 282 -8.78 19.89 -12.12
N MET B 283 -9.06 21.12 -11.70
CA MET B 283 -8.52 22.27 -12.42
C MET B 283 -6.98 22.32 -12.31
N ASN B 284 -6.44 22.08 -11.12
CA ASN B 284 -4.99 21.96 -10.93
C ASN B 284 -4.35 20.90 -11.81
N LEU B 285 -5.01 19.75 -11.91
CA LEU B 285 -4.55 18.67 -12.79
C LEU B 285 -4.49 19.14 -14.25
N ALA B 286 -5.55 19.81 -14.69
CA ALA B 286 -5.64 20.25 -16.08
C ALA B 286 -4.53 21.25 -16.39
N HIS B 287 -4.12 21.99 -15.37
CA HIS B 287 -3.12 23.03 -15.55
C HIS B 287 -1.66 22.69 -15.22
N ARG B 288 -1.35 21.43 -14.96
CA ARG B 288 0.07 21.11 -14.63
C ARG B 288 0.80 20.27 -15.69
#